data_3BDN
#
_entry.id   3BDN
#
_cell.length_a   74.431
_cell.length_b   161.099
_cell.length_c   135.256
_cell.angle_alpha   90.00
_cell.angle_beta   90.00
_cell.angle_gamma   90.00
#
_symmetry.space_group_name_H-M   'C 2 2 2'
#
loop_
_entity.id
_entity.type
_entity.pdbx_description
1 polymer "DNA (5'-D(*DAP*DAP*DTP*DAP*DCP*DCP*DAP*DCP*DTP*DGP*DGP*DCP*DGP*DGP*DTP*DGP*DAP*DTP*DAP*DT)-3')"
2 polymer "DNA (5'-D(*DTP*DAP*DTP*DAP*DTP*DCP*DAP*DCP*DCP*DGP*DCP*DCP*DAP*DGP*DTP*DGP*DGP*DTP*DAP*DT)-3')"
3 polymer 'Lambda Repressor'
#
loop_
_entity_poly.entity_id
_entity_poly.type
_entity_poly.pdbx_seq_one_letter_code
_entity_poly.pdbx_strand_id
1 'polydeoxyribonucleotide' (DA)(DA)(DT)(DA)(DC)(DC)(DA)(DC)(DT)(DG)(DG)(DC)(DG)(DG)(DT)(DG)(DA)(DT)(DA)(DT) C
2 'polydeoxyribonucleotide' (DT)(DA)(DT)(DA)(DT)(DC)(DA)(DC)(DC)(DG)(DC)(DC)(DA)(DG)(DT)(DG)(DG)(DT)(DA)(DT) D
3 'polypeptide(L)'
;STKKKPLTQEQLEDARRLKAIYEKKKNELGLSQESVADKMGMGQSGVGALFNGINALNAYNAALLAKILKVSVEEFSPSI
AREIYEMYEAVSMQPSLRSEYEYPVFSHVQAGMFSPELRTFTKGDAERWVSTTKKASDSAFWLEVEGNSMTAPTGSKPSF
PDGMLILVDPEQAVEPGDFCIARLGGDEFTFKKLIRGSGQVFLQPLNPQYPMIPCNESCSVVGKVIASQWPEETFG
;
A,B
#
# COMPACT_ATOMS: atom_id res chain seq x y z
N SER C 1 13.86 24.53 -37.56
CA SER C 1 13.52 25.50 -36.47
C SER C 1 13.96 25.00 -35.08
N THR C 2 14.06 25.95 -34.15
CA THR C 2 14.14 25.66 -32.70
C THR C 2 13.44 26.79 -31.92
N LYS C 3 13.32 27.96 -32.55
CA LYS C 3 12.45 29.03 -32.07
C LYS C 3 11.01 28.55 -32.10
N LYS C 4 10.78 27.50 -32.90
CA LYS C 4 9.52 26.75 -32.96
C LYS C 4 9.65 25.34 -32.35
N LYS C 5 9.09 24.36 -33.07
CA LYS C 5 8.97 22.96 -32.63
C LYS C 5 9.85 22.00 -33.47
N PRO C 6 10.81 21.29 -32.80
CA PRO C 6 11.68 20.31 -33.46
C PRO C 6 10.93 19.11 -34.05
N LEU C 7 11.12 18.91 -35.36
CA LEU C 7 10.40 17.86 -36.09
C LEU C 7 11.29 16.66 -36.45
N THR C 8 10.84 15.46 -36.07
CA THR C 8 11.49 14.24 -36.52
C THR C 8 10.45 13.18 -36.85
N GLN C 9 10.55 12.67 -38.08
CA GLN C 9 9.56 11.81 -38.75
C GLN C 9 8.66 10.99 -37.82
N GLU C 10 9.11 9.81 -37.42
CA GLU C 10 8.35 8.96 -36.53
C GLU C 10 8.11 9.74 -35.25
N GLN C 11 9.19 10.42 -34.79
CA GLN C 11 9.09 11.28 -33.63
C GLN C 11 8.02 12.31 -33.85
N LEU C 12 7.15 12.05 -34.85
CA LEU C 12 5.96 12.85 -35.06
C LEU C 12 4.71 11.99 -35.33
N GLU C 13 4.72 11.22 -36.42
CA GLU C 13 3.53 10.52 -36.92
C GLU C 13 2.96 9.42 -36.02
N ASP C 14 3.50 9.30 -34.82
CA ASP C 14 2.99 8.34 -33.83
C ASP C 14 1.60 8.77 -33.34
N ALA C 15 1.49 10.07 -33.07
CA ALA C 15 0.24 10.68 -32.61
C ALA C 15 -0.83 10.61 -33.68
N ARG C 16 -0.41 10.84 -34.93
CA ARG C 16 -1.27 10.62 -36.07
C ARG C 16 -1.91 9.26 -35.85
N ARG C 17 -1.04 8.24 -35.81
CA ARG C 17 -1.45 6.86 -35.58
C ARG C 17 -2.58 6.90 -34.57
N LEU C 18 -2.30 7.57 -33.46
CA LEU C 18 -3.26 7.72 -32.42
C LEU C 18 -4.57 8.30 -32.94
N LYS C 19 -4.58 9.60 -33.24
CA LYS C 19 -5.83 10.24 -33.54
C LYS C 19 -6.55 9.42 -34.58
N ALA C 20 -5.77 8.82 -35.46
CA ALA C 20 -6.33 7.98 -36.50
C ALA C 20 -7.28 6.92 -35.93
N ILE C 21 -6.80 6.19 -34.94
CA ILE C 21 -7.61 5.17 -34.26
C ILE C 21 -8.64 5.84 -33.37
N TYR C 22 -8.28 6.99 -32.83
CA TYR C 22 -9.14 7.75 -31.94
C TYR C 22 -10.56 7.90 -32.50
N GLU C 23 -10.70 8.63 -33.61
CA GLU C 23 -12.02 8.97 -34.16
C GLU C 23 -12.92 7.77 -34.43
N LYS C 24 -12.34 6.62 -34.75
CA LYS C 24 -13.09 5.40 -34.95
C LYS C 24 -13.80 4.92 -33.67
N LYS C 25 -13.11 5.06 -32.54
CA LYS C 25 -13.66 4.63 -31.26
C LYS C 25 -14.11 5.81 -30.39
N LYS C 26 -13.81 7.02 -30.84
CA LYS C 26 -13.97 8.24 -30.02
C LYS C 26 -15.35 8.40 -29.36
N ASN C 27 -16.41 8.03 -30.05
CA ASN C 27 -17.73 8.13 -29.45
C ASN C 27 -18.26 6.78 -28.99
N GLU C 28 -17.51 5.70 -29.24
CA GLU C 28 -18.05 4.39 -28.93
C GLU C 28 -17.92 3.97 -27.45
N LEU C 29 -17.07 4.66 -26.68
CA LEU C 29 -17.00 4.47 -25.21
C LEU C 29 -17.75 5.55 -24.44
N GLY C 30 -17.70 6.78 -24.94
CA GLY C 30 -18.52 7.86 -24.41
C GLY C 30 -17.74 9.11 -24.11
N LEU C 31 -16.85 9.47 -25.05
CA LEU C 31 -15.85 10.45 -24.75
C LEU C 31 -15.79 11.53 -25.80
N SER C 32 -15.69 12.76 -25.33
CA SER C 32 -15.44 13.91 -26.18
C SER C 32 -13.93 14.15 -26.30
N GLN C 33 -13.45 15.18 -25.59
CA GLN C 33 -12.05 15.56 -25.62
C GLN C 33 -11.74 16.29 -24.32
N GLU C 34 -12.65 17.19 -23.97
CA GLU C 34 -12.78 17.70 -22.61
C GLU C 34 -12.84 16.49 -21.67
N SER C 35 -13.07 15.31 -22.23
CA SER C 35 -13.12 14.09 -21.45
C SER C 35 -11.71 13.53 -21.31
N VAL C 36 -10.87 13.81 -22.29
CA VAL C 36 -9.47 13.43 -22.20
C VAL C 36 -8.77 14.49 -21.42
N ALA C 37 -9.19 15.73 -21.64
CA ALA C 37 -8.72 16.86 -20.86
C ALA C 37 -8.80 16.55 -19.38
N ASP C 38 -10.00 16.24 -18.92
CA ASP C 38 -10.21 15.75 -17.58
C ASP C 38 -9.77 14.31 -17.59
N LYS C 39 -9.93 13.65 -16.46
CA LYS C 39 -9.50 12.27 -16.29
C LYS C 39 -7.98 12.16 -16.34
N MET C 40 -7.37 12.82 -17.32
CA MET C 40 -5.91 12.83 -17.45
C MET C 40 -5.30 13.74 -16.39
N GLY C 41 -5.74 15.00 -16.42
CA GLY C 41 -5.30 15.99 -15.45
C GLY C 41 -4.60 17.18 -16.08
N MET C 42 -5.00 17.54 -17.31
CA MET C 42 -4.41 18.70 -17.99
C MET C 42 -5.32 19.26 -19.10
N GLY C 43 -5.37 20.60 -19.18
CA GLY C 43 -6.22 21.34 -20.11
C GLY C 43 -6.45 20.75 -21.50
N GLN C 44 -7.58 21.16 -22.09
CA GLN C 44 -8.06 20.63 -23.37
C GLN C 44 -7.22 21.16 -24.53
N SER C 45 -6.96 22.48 -24.51
CA SER C 45 -5.90 23.08 -25.30
C SER C 45 -4.68 22.18 -25.20
N GLY C 46 -4.42 21.71 -23.97
CA GLY C 46 -3.30 20.82 -23.66
C GLY C 46 -3.45 19.41 -24.22
N VAL C 47 -4.61 18.80 -23.99
CA VAL C 47 -4.83 17.47 -24.54
C VAL C 47 -4.85 17.56 -26.06
N GLY C 48 -5.81 18.31 -26.58
CA GLY C 48 -6.11 18.32 -28.01
C GLY C 48 -4.99 18.49 -29.02
N ALA C 49 -3.85 19.06 -28.60
CA ALA C 49 -2.83 19.56 -29.54
C ALA C 49 -1.71 18.58 -29.82
N LEU C 50 -1.37 17.80 -28.80
CA LEU C 50 -0.33 16.80 -28.92
C LEU C 50 -0.55 16.04 -30.21
N PHE C 51 -1.74 15.46 -30.31
CA PHE C 51 -2.15 14.63 -31.43
C PHE C 51 -1.83 15.20 -32.81
N ASN C 52 -1.65 16.52 -32.89
CA ASN C 52 -1.37 17.19 -34.17
C ASN C 52 0.09 17.13 -34.57
N GLY C 53 0.85 16.35 -33.80
CA GLY C 53 2.27 16.24 -34.00
C GLY C 53 2.89 17.46 -33.35
N ILE C 54 2.04 18.27 -32.75
CA ILE C 54 2.54 19.49 -32.15
C ILE C 54 3.27 19.14 -30.87
N ASN C 55 2.87 18.05 -30.23
CA ASN C 55 3.59 17.60 -29.05
C ASN C 55 3.98 16.15 -29.06
N ALA C 56 5.21 15.89 -28.64
CA ALA C 56 5.70 14.52 -28.56
C ALA C 56 5.34 13.91 -27.20
N LEU C 57 4.76 12.71 -27.25
CA LEU C 57 4.42 11.95 -26.04
C LEU C 57 5.64 11.74 -25.18
N ASN C 58 5.49 11.95 -23.88
CA ASN C 58 6.43 11.36 -22.95
C ASN C 58 5.95 9.94 -22.77
N ALA C 59 6.80 9.10 -22.21
CA ALA C 59 6.40 7.72 -21.97
C ALA C 59 5.16 7.61 -21.07
N TYR C 60 4.86 8.67 -20.35
CA TYR C 60 3.90 8.64 -19.25
C TYR C 60 2.47 8.49 -19.74
N ASN C 61 1.78 9.62 -19.91
CA ASN C 61 0.40 9.66 -20.37
C ASN C 61 0.19 8.81 -21.60
N ALA C 62 1.30 8.52 -22.28
CA ALA C 62 1.31 7.49 -23.29
C ALA C 62 0.51 6.35 -22.73
N ALA C 63 1.03 5.78 -21.66
CA ALA C 63 0.43 4.62 -21.03
C ALA C 63 -0.95 4.89 -20.47
N LEU C 64 -1.30 6.15 -20.30
CA LEU C 64 -2.63 6.45 -19.86
C LEU C 64 -3.60 6.10 -20.96
N LEU C 65 -3.39 6.70 -22.12
CA LEU C 65 -4.37 6.59 -23.16
C LEU C 65 -4.21 5.25 -23.79
N ALA C 66 -4.69 4.25 -23.07
CA ALA C 66 -4.83 2.92 -23.58
C ALA C 66 -5.84 2.20 -22.69
N LYS C 67 -5.68 2.42 -21.37
CA LYS C 67 -6.68 2.02 -20.36
C LYS C 67 -7.88 2.91 -20.54
N ILE C 68 -7.74 3.83 -21.50
CA ILE C 68 -8.86 4.62 -22.00
C ILE C 68 -9.25 4.03 -23.36
N LEU C 69 -8.39 4.20 -24.34
CA LEU C 69 -8.73 3.86 -25.70
C LEU C 69 -8.46 2.42 -25.98
N LYS C 70 -8.59 1.62 -24.92
CA LYS C 70 -8.70 0.17 -25.01
C LYS C 70 -7.73 -0.51 -25.99
N VAL C 71 -6.49 -0.02 -25.99
CA VAL C 71 -5.45 -0.50 -26.93
C VAL C 71 -4.19 -1.11 -26.26
N SER C 72 -3.03 -0.63 -26.70
CA SER C 72 -1.77 -1.18 -26.32
C SER C 72 -0.75 -0.40 -27.13
N VAL C 73 -0.22 0.63 -26.48
CA VAL C 73 0.73 1.58 -27.04
C VAL C 73 1.27 1.24 -28.40
N GLU C 74 2.15 0.25 -28.44
CA GLU C 74 2.62 -0.32 -29.67
C GLU C 74 1.52 -0.31 -30.72
N GLU C 75 0.26 -0.39 -30.28
CA GLU C 75 -0.89 -0.28 -31.17
C GLU C 75 -0.87 1.07 -31.85
N PHE C 76 -0.12 2.00 -31.27
CA PHE C 76 0.03 3.35 -31.84
C PHE C 76 1.44 3.95 -31.65
N SER C 77 2.18 3.50 -30.63
CA SER C 77 3.57 3.88 -30.51
C SER C 77 4.40 2.78 -29.89
N PRO C 78 4.88 1.88 -30.75
CA PRO C 78 5.91 0.92 -30.41
C PRO C 78 7.19 1.65 -29.99
N SER C 79 7.54 2.72 -30.70
CA SER C 79 8.63 3.59 -30.27
C SER C 79 8.62 3.80 -28.74
N ILE C 80 7.43 3.84 -28.14
CA ILE C 80 7.34 3.99 -26.71
C ILE C 80 6.92 2.68 -26.09
N ALA C 81 6.24 1.86 -26.88
CA ALA C 81 6.00 0.51 -26.44
C ALA C 81 7.34 0.01 -25.95
N ARG C 82 8.35 0.13 -26.80
CA ARG C 82 9.72 -0.26 -26.44
C ARG C 82 10.05 0.39 -25.10
N GLU C 83 9.98 1.71 -25.06
CA GLU C 83 10.47 2.50 -23.94
C GLU C 83 9.92 2.01 -22.62
N ILE C 84 8.62 1.76 -22.57
CA ILE C 84 8.04 1.34 -21.30
C ILE C 84 8.57 -0.04 -20.96
N TYR C 85 8.58 -0.92 -21.96
CA TYR C 85 8.81 -2.32 -21.71
C TYR C 85 10.10 -2.63 -20.95
N GLU C 86 11.16 -1.90 -21.27
CA GLU C 86 12.43 -2.09 -20.57
C GLU C 86 12.60 -1.17 -19.34
N MET C 87 11.53 -1.08 -18.57
CA MET C 87 11.59 -0.42 -17.28
C MET C 87 10.90 -1.36 -16.35
N TYR C 88 10.15 -2.28 -16.92
CA TYR C 88 9.52 -3.30 -16.12
C TYR C 88 10.57 -4.29 -15.66
N GLU C 89 11.58 -4.53 -16.49
CA GLU C 89 12.69 -5.38 -16.07
C GLU C 89 13.43 -4.70 -14.95
N ALA C 90 13.35 -3.39 -14.91
CA ALA C 90 13.78 -2.67 -13.72
C ALA C 90 12.94 -3.04 -12.51
N VAL C 91 11.68 -3.41 -12.71
CA VAL C 91 10.82 -3.70 -11.59
C VAL C 91 10.62 -5.19 -11.40
N SER C 92 10.93 -5.95 -12.44
CA SER C 92 10.74 -7.40 -12.41
C SER C 92 11.56 -7.99 -11.30
N MET C 93 12.86 -7.75 -11.39
CA MET C 93 13.87 -8.34 -10.51
C MET C 93 13.53 -9.77 -10.06
N GLN C 94 13.85 -10.09 -8.80
CA GLN C 94 13.94 -11.47 -8.30
C GLN C 94 13.12 -11.77 -7.05
N PRO C 95 12.81 -13.06 -6.79
CA PRO C 95 12.30 -13.50 -5.50
C PRO C 95 13.22 -13.02 -4.38
N SER C 96 12.87 -11.84 -3.85
CA SER C 96 13.65 -11.14 -2.83
C SER C 96 13.54 -11.76 -1.42
N LEU C 97 14.15 -11.06 -0.46
CA LEU C 97 14.20 -11.52 0.93
C LEU C 97 12.86 -11.33 1.66
N ARG C 98 11.79 -11.01 0.91
CA ARG C 98 10.50 -10.78 1.56
C ARG C 98 9.23 -11.48 1.02
N SER C 99 9.05 -12.71 1.52
CA SER C 99 7.81 -13.56 1.49
C SER C 99 7.18 -14.02 0.16
N GLU C 100 6.47 -15.14 0.27
CA GLU C 100 5.60 -15.68 -0.78
C GLU C 100 4.21 -15.79 -0.13
N TYR C 101 4.18 -16.39 1.07
CA TYR C 101 3.07 -16.35 2.06
C TYR C 101 3.43 -17.23 3.26
N GLU C 102 3.02 -16.82 4.46
CA GLU C 102 3.51 -17.51 5.66
C GLU C 102 2.46 -17.91 6.72
N TYR C 103 2.95 -18.09 7.95
CA TYR C 103 2.39 -18.97 9.00
C TYR C 103 0.88 -19.24 9.11
N PRO C 104 0.50 -20.20 9.98
CA PRO C 104 -0.83 -20.76 10.01
C PRO C 104 -1.77 -20.19 11.07
N VAL C 105 -3.01 -20.69 11.06
CA VAL C 105 -3.99 -20.46 12.13
C VAL C 105 -4.03 -21.68 13.05
N PHE C 106 -4.27 -21.44 14.34
CA PHE C 106 -4.00 -22.45 15.36
C PHE C 106 -4.84 -22.23 16.64
N SER C 107 -5.43 -23.32 17.16
CA SER C 107 -6.24 -23.30 18.37
C SER C 107 -5.42 -23.18 19.64
N HIS C 108 -4.60 -22.12 19.70
CA HIS C 108 -3.81 -21.74 20.89
C HIS C 108 -2.95 -22.87 21.43
N VAL C 109 -3.42 -23.47 22.52
CA VAL C 109 -2.72 -24.56 23.24
C VAL C 109 -1.18 -24.48 23.24
N GLN C 110 -0.54 -25.64 23.31
CA GLN C 110 0.92 -25.74 23.28
C GLN C 110 1.42 -25.32 21.91
N ALA C 111 2.20 -24.22 21.88
CA ALA C 111 2.80 -23.75 20.63
C ALA C 111 4.06 -24.53 20.28
N GLY C 112 4.29 -25.60 21.02
CA GLY C 112 5.47 -26.44 20.86
C GLY C 112 6.36 -26.35 22.09
N MET C 113 6.38 -25.16 22.69
CA MET C 113 7.26 -24.82 23.81
C MET C 113 8.72 -24.85 23.42
N PHE C 114 9.30 -23.66 23.27
CA PHE C 114 10.73 -23.55 23.11
C PHE C 114 11.37 -23.59 24.50
N SER C 115 11.14 -24.71 25.19
CA SER C 115 11.99 -25.13 26.29
C SER C 115 13.11 -26.02 25.73
N PRO C 116 12.77 -26.91 24.76
CA PRO C 116 13.89 -27.41 23.98
C PRO C 116 14.08 -26.55 22.71
N GLU C 117 13.39 -26.96 21.66
CA GLU C 117 13.49 -26.35 20.34
C GLU C 117 12.09 -26.08 19.78
N LEU C 118 11.07 -26.52 20.51
CA LEU C 118 9.67 -26.37 20.11
C LEU C 118 9.36 -27.36 18.96
N ARG C 119 8.53 -28.37 19.25
CA ARG C 119 8.36 -29.57 18.39
C ARG C 119 7.13 -29.63 17.40
N THR C 120 6.13 -28.75 17.62
CA THR C 120 4.76 -28.68 16.95
C THR C 120 4.13 -29.87 16.17
N PHE C 121 2.79 -29.69 15.93
CA PHE C 121 1.99 -30.52 15.01
C PHE C 121 1.11 -31.58 15.70
N THR C 122 -0.20 -31.28 15.85
CA THR C 122 -1.23 -32.26 16.25
C THR C 122 -2.55 -32.15 15.45
N LYS C 123 -2.46 -31.61 14.23
CA LYS C 123 -3.55 -31.64 13.23
C LYS C 123 -3.01 -31.45 11.79
N GLY C 124 -2.35 -30.31 11.53
CA GLY C 124 -1.69 -30.08 10.25
C GLY C 124 -2.30 -29.03 9.34
N ASP C 125 -3.63 -29.04 9.27
CA ASP C 125 -4.38 -28.08 8.47
C ASP C 125 -4.34 -26.68 9.08
N ALA C 126 -4.80 -25.71 8.28
CA ALA C 126 -4.92 -24.33 8.73
C ALA C 126 -5.85 -23.53 7.83
N GLU C 127 -5.43 -23.35 6.57
CA GLU C 127 -6.00 -22.33 5.67
C GLU C 127 -5.58 -20.95 6.16
N ARG C 128 -4.43 -20.51 5.66
CA ARG C 128 -3.86 -19.20 6.00
C ARG C 128 -3.13 -18.62 4.79
N TRP C 129 -3.58 -17.45 4.32
CA TRP C 129 -2.85 -16.72 3.27
C TRP C 129 -1.99 -15.69 3.98
N VAL C 130 -1.83 -14.56 3.29
CA VAL C 130 -1.43 -13.30 3.90
C VAL C 130 -0.03 -13.32 4.51
N SER C 131 0.68 -12.21 4.31
CA SER C 131 2.09 -12.08 4.59
C SER C 131 2.37 -10.82 5.39
N THR C 132 3.62 -10.37 5.37
CA THR C 132 4.03 -9.16 6.09
C THR C 132 5.38 -8.63 5.65
N THR C 133 5.92 -7.69 6.44
CA THR C 133 7.35 -7.46 6.47
C THR C 133 7.99 -8.75 6.98
N LYS C 134 8.36 -9.60 6.04
CA LYS C 134 8.89 -10.91 6.32
C LYS C 134 9.78 -10.90 7.55
N LYS C 135 9.37 -11.69 8.54
CA LYS C 135 10.26 -12.11 9.61
C LYS C 135 9.98 -13.59 9.82
N ALA C 136 10.06 -14.05 11.08
CA ALA C 136 9.66 -15.41 11.39
C ALA C 136 10.54 -16.40 10.65
N SER C 137 11.84 -16.09 10.58
CA SER C 137 12.83 -16.98 9.95
C SER C 137 13.17 -18.15 10.88
N ASP C 138 12.27 -18.36 11.87
CA ASP C 138 12.33 -19.51 12.76
C ASP C 138 11.13 -19.58 13.69
N SER C 139 10.33 -20.63 13.52
CA SER C 139 9.35 -21.10 14.51
C SER C 139 8.04 -20.29 14.71
N ALA C 140 7.95 -19.08 14.13
CA ALA C 140 6.83 -18.14 14.37
C ALA C 140 5.45 -18.59 13.82
N PHE C 141 4.39 -17.78 13.99
CA PHE C 141 3.02 -18.18 13.63
C PHE C 141 1.94 -17.15 13.87
N TRP C 142 0.78 -17.35 13.25
CA TRP C 142 -0.37 -16.49 13.50
C TRP C 142 -1.04 -16.87 14.82
N LEU C 143 -2.03 -16.09 15.23
CA LEU C 143 -2.85 -16.41 16.40
C LEU C 143 -4.19 -15.69 16.38
N GLU C 144 -5.24 -16.44 16.72
CA GLU C 144 -6.60 -15.90 16.83
C GLU C 144 -6.94 -15.80 18.31
N VAL C 145 -7.39 -14.59 18.71
CA VAL C 145 -7.64 -14.35 20.14
C VAL C 145 -9.09 -14.11 20.54
N GLU C 146 -9.63 -15.11 21.22
CA GLU C 146 -10.92 -14.96 21.87
C GLU C 146 -10.64 -14.70 23.36
N GLY C 147 -11.30 -13.67 23.88
CA GLY C 147 -10.97 -13.15 25.19
C GLY C 147 -10.84 -11.67 24.97
N ASN C 148 -11.31 -10.89 25.92
CA ASN C 148 -11.29 -9.44 25.79
C ASN C 148 -9.97 -8.89 26.29
N SER C 149 -9.03 -9.79 26.53
CA SER C 149 -7.82 -9.48 27.28
C SER C 149 -6.93 -8.43 26.64
N MET C 150 -7.49 -7.69 25.71
CA MET C 150 -6.73 -6.60 25.12
C MET C 150 -7.57 -5.45 24.61
N THR C 151 -8.72 -5.77 24.04
CA THR C 151 -9.74 -4.78 23.72
C THR C 151 -9.56 -3.53 24.59
N ALA C 152 -9.10 -2.43 24.00
CA ALA C 152 -8.82 -1.18 24.74
C ALA C 152 -10.09 -0.54 25.27
N PRO C 153 -9.98 0.44 26.17
CA PRO C 153 -11.24 0.95 26.63
C PRO C 153 -11.80 1.82 25.52
N THR C 154 -12.83 1.29 24.89
CA THR C 154 -13.65 1.98 23.93
C THR C 154 -12.89 2.96 23.07
N GLY C 155 -12.63 4.16 23.56
CA GLY C 155 -11.85 5.13 22.79
C GLY C 155 -10.41 5.13 23.22
N SER C 156 -9.55 4.43 22.48
CA SER C 156 -8.21 4.18 22.97
C SER C 156 -7.21 3.72 21.93
N LYS C 157 -5.95 4.12 22.12
CA LYS C 157 -4.79 3.65 21.34
C LYS C 157 -4.60 2.15 21.61
N PRO C 158 -3.75 1.45 20.84
CA PRO C 158 -3.93 0.06 20.46
C PRO C 158 -5.24 -0.58 20.89
N SER C 159 -5.50 -1.82 20.48
CA SER C 159 -6.73 -2.50 20.95
C SER C 159 -6.80 -4.04 21.01
N PHE C 160 -6.99 -4.68 19.85
CA PHE C 160 -7.10 -6.12 19.74
C PHE C 160 -8.27 -6.66 20.53
N PRO C 161 -9.36 -6.96 19.81
CA PRO C 161 -10.67 -7.35 20.32
C PRO C 161 -10.86 -8.85 20.39
N ASP C 162 -11.81 -9.36 19.62
CA ASP C 162 -12.06 -10.79 19.54
C ASP C 162 -11.59 -11.28 18.19
N GLY C 163 -11.25 -12.56 18.13
CA GLY C 163 -10.92 -13.26 16.88
C GLY C 163 -10.38 -12.37 15.77
N MET C 164 -9.47 -11.51 16.17
CA MET C 164 -8.72 -10.67 15.27
C MET C 164 -7.31 -11.23 15.35
N LEU C 165 -6.67 -11.25 14.20
CA LEU C 165 -5.48 -12.06 14.10
C LEU C 165 -4.20 -11.28 14.43
N ILE C 166 -3.14 -12.02 14.76
CA ILE C 166 -1.95 -11.45 15.35
C ILE C 166 -0.76 -12.38 15.14
N LEU C 167 0.43 -11.79 15.04
CA LEU C 167 1.63 -12.53 14.61
C LEU C 167 2.82 -12.59 15.60
N VAL C 168 3.22 -13.81 15.92
CA VAL C 168 4.30 -14.08 16.87
C VAL C 168 5.60 -14.48 16.17
N ASP C 169 6.72 -13.95 16.66
CA ASP C 169 8.04 -14.40 16.22
C ASP C 169 9.10 -14.27 17.33
N PRO C 170 9.12 -15.24 18.26
CA PRO C 170 9.95 -15.26 19.47
C PRO C 170 11.42 -14.99 19.18
N GLU C 171 11.90 -15.57 18.07
CA GLU C 171 13.20 -15.26 17.51
C GLU C 171 13.11 -13.81 17.21
N GLN C 172 13.57 -13.06 18.20
CA GLN C 172 13.41 -11.65 18.20
C GLN C 172 13.65 -11.15 19.58
N ALA C 173 13.86 -9.84 19.66
CA ALA C 173 14.16 -9.12 20.88
C ALA C 173 13.22 -9.50 22.02
N VAL C 174 12.02 -8.93 22.00
CA VAL C 174 10.93 -9.27 22.93
C VAL C 174 11.09 -8.55 24.29
N GLU C 175 10.69 -7.28 24.36
CA GLU C 175 10.90 -6.50 25.59
C GLU C 175 9.75 -5.53 25.93
N PRO C 176 9.65 -5.11 27.21
CA PRO C 176 8.56 -4.29 27.71
C PRO C 176 8.31 -3.07 26.86
N GLY C 177 7.16 -3.07 26.22
CA GLY C 177 6.81 -2.03 25.25
C GLY C 177 6.30 -2.72 24.01
N ASP C 178 6.73 -3.96 23.81
CA ASP C 178 6.23 -4.74 22.71
C ASP C 178 5.22 -5.72 23.25
N PHE C 179 4.38 -6.21 22.34
CA PHE C 179 3.22 -7.01 22.72
C PHE C 179 3.57 -8.46 22.61
N CYS C 180 3.23 -9.23 23.65
CA CYS C 180 3.86 -10.52 23.86
C CYS C 180 2.99 -11.60 24.40
N ILE C 181 3.10 -12.76 23.77
CA ILE C 181 2.41 -13.93 24.23
C ILE C 181 3.29 -14.57 25.29
N ALA C 182 2.64 -15.05 26.35
CA ALA C 182 3.31 -15.64 27.49
C ALA C 182 2.35 -16.54 28.28
N ARG C 183 2.96 -17.40 29.09
CA ARG C 183 2.24 -18.41 29.87
C ARG C 183 2.94 -18.73 31.18
N LEU C 184 2.29 -19.52 32.03
CA LEU C 184 2.85 -19.94 33.30
C LEU C 184 2.66 -21.44 33.52
N GLY C 185 3.46 -21.98 34.45
CA GLY C 185 3.49 -23.40 34.77
C GLY C 185 3.87 -24.22 33.55
N GLY C 186 4.13 -23.51 32.46
CA GLY C 186 4.24 -24.11 31.14
C GLY C 186 2.90 -24.73 30.81
N ASP C 187 1.83 -23.93 30.93
CA ASP C 187 0.49 -24.43 30.67
C ASP C 187 -0.45 -23.36 30.13
N GLU C 188 -0.50 -22.23 30.83
CA GLU C 188 -1.52 -21.24 30.59
C GLU C 188 -1.22 -20.31 29.43
N PHE C 189 -2.10 -19.35 29.24
CA PHE C 189 -1.88 -18.16 28.43
C PHE C 189 -3.12 -17.26 28.57
N THR C 190 -2.90 -15.95 28.63
CA THR C 190 -3.96 -15.03 28.28
C THR C 190 -3.22 -13.90 27.61
N PHE C 191 -1.93 -13.77 27.94
CA PHE C 191 -1.00 -12.85 27.29
C PHE C 191 -1.35 -11.36 27.38
N LYS C 192 -0.34 -10.51 27.55
CA LYS C 192 -0.56 -9.08 27.73
C LYS C 192 0.62 -8.27 27.22
N LYS C 193 0.56 -6.96 27.36
CA LYS C 193 1.72 -6.14 27.07
C LYS C 193 2.59 -6.21 28.29
N LEU C 194 3.89 -6.00 28.07
CA LEU C 194 4.91 -6.06 29.11
C LEU C 194 5.30 -4.66 29.51
N ILE C 195 5.72 -4.48 30.77
CA ILE C 195 6.05 -3.14 31.26
C ILE C 195 7.31 -3.10 32.12
N ARG C 196 7.93 -1.91 32.20
CA ARG C 196 8.97 -1.62 33.21
C ARG C 196 8.42 -0.83 34.41
N GLY C 197 7.91 -1.57 35.39
CA GLY C 197 7.43 -1.03 36.65
C GLY C 197 8.32 -1.51 37.78
N SER C 198 8.64 -0.60 38.70
CA SER C 198 9.59 -0.87 39.78
C SER C 198 9.16 -2.10 40.59
N GLY C 199 10.16 -2.72 41.24
CA GLY C 199 9.92 -3.94 41.98
C GLY C 199 9.35 -4.99 41.03
N GLN C 200 10.23 -5.57 40.20
CA GLN C 200 9.89 -6.59 39.20
C GLN C 200 9.13 -5.98 38.01
N VAL C 201 8.87 -6.84 37.01
CA VAL C 201 8.21 -6.53 35.73
C VAL C 201 6.94 -7.36 35.51
N PHE C 202 5.95 -6.76 34.85
CA PHE C 202 4.66 -7.39 34.77
C PHE C 202 3.98 -7.24 33.42
N LEU C 203 2.81 -7.86 33.36
CA LEU C 203 1.99 -7.88 32.18
C LEU C 203 0.64 -7.21 32.41
N GLN C 204 0.36 -6.22 31.57
CA GLN C 204 -0.83 -5.43 31.73
C GLN C 204 -1.84 -5.77 30.68
N PRO C 205 -2.94 -6.41 31.10
CA PRO C 205 -4.13 -6.49 30.31
C PRO C 205 -4.38 -5.13 29.72
N LEU C 206 -4.55 -5.05 28.41
CA LEU C 206 -4.84 -3.76 27.80
C LEU C 206 -6.34 -3.48 27.89
N ASN C 207 -6.96 -4.09 28.88
CA ASN C 207 -8.28 -3.74 29.30
C ASN C 207 -8.22 -3.49 30.81
N PRO C 208 -7.71 -2.32 31.23
CA PRO C 208 -7.58 -1.95 32.65
C PRO C 208 -8.81 -2.24 33.52
N GLN C 209 -9.92 -2.62 32.88
CA GLN C 209 -11.01 -3.29 33.55
C GLN C 209 -10.60 -4.72 33.98
N TYR C 210 -9.46 -5.18 33.44
CA TYR C 210 -8.87 -6.48 33.79
C TYR C 210 -7.85 -6.36 34.91
N PRO C 211 -7.87 -7.32 35.84
CA PRO C 211 -6.78 -7.54 36.77
C PRO C 211 -5.51 -7.81 36.00
N MET C 212 -4.42 -7.38 36.60
CA MET C 212 -3.14 -7.36 35.95
C MET C 212 -2.16 -8.06 36.85
N ILE C 213 -1.25 -8.84 36.26
CA ILE C 213 -0.31 -9.66 37.03
C ILE C 213 1.05 -9.91 36.37
N PRO C 214 2.11 -10.16 37.19
CA PRO C 214 3.43 -10.55 36.73
C PRO C 214 3.42 -11.90 36.00
N GLU C 217 8.61 -14.26 37.79
CA GLU C 217 9.53 -15.19 38.45
C GLU C 217 9.21 -16.62 38.06
N SER C 218 7.99 -17.04 38.36
CA SER C 218 7.54 -18.38 38.03
C SER C 218 7.09 -18.36 36.57
N CYS C 219 6.69 -17.16 36.14
CA CYS C 219 6.16 -16.93 34.79
C CYS C 219 7.27 -16.80 33.73
N SER C 220 6.87 -17.00 32.43
CA SER C 220 7.87 -16.92 31.35
C SER C 220 7.37 -16.16 30.13
N VAL C 221 8.32 -15.72 29.28
CA VAL C 221 8.01 -14.88 28.11
C VAL C 221 8.44 -15.52 26.80
N VAL C 222 7.65 -16.44 26.27
CA VAL C 222 8.12 -17.23 25.15
C VAL C 222 8.32 -16.43 23.88
N GLY C 223 7.21 -16.05 23.25
CA GLY C 223 7.23 -15.41 21.92
C GLY C 223 6.69 -13.98 21.76
N LYS C 224 6.96 -13.36 20.60
CA LYS C 224 6.70 -11.93 20.40
C LYS C 224 5.71 -11.56 19.29
N VAL C 225 4.79 -10.66 19.63
CA VAL C 225 3.88 -10.06 18.64
C VAL C 225 4.60 -8.95 17.91
N ILE C 226 4.34 -8.84 16.62
CA ILE C 226 4.89 -7.75 15.85
C ILE C 226 3.86 -7.09 14.94
N ALA C 227 2.75 -7.80 14.66
CA ALA C 227 1.67 -7.30 13.78
C ALA C 227 0.39 -8.13 13.89
N SER C 228 -0.73 -7.52 13.48
CA SER C 228 -2.09 -8.10 13.60
C SER C 228 -3.10 -7.45 12.64
N GLN C 229 -3.77 -8.26 11.82
CA GLN C 229 -4.75 -7.77 10.85
C GLN C 229 -6.06 -8.53 10.93
N TRP C 230 -7.13 -7.95 10.42
CA TRP C 230 -8.41 -8.68 10.41
C TRP C 230 -8.33 -9.76 9.35
N PRO C 231 -9.06 -10.88 9.55
CA PRO C 231 -9.02 -11.98 8.58
C PRO C 231 -9.53 -11.54 7.21
N GLU C 232 -9.17 -12.31 6.19
CA GLU C 232 -9.52 -11.97 4.82
C GLU C 232 -11.00 -11.80 4.75
N GLU C 233 -11.72 -12.88 5.06
CA GLU C 233 -13.15 -13.03 4.77
C GLU C 233 -14.10 -12.38 5.76
N THR C 234 -13.57 -11.85 6.88
CA THR C 234 -14.31 -10.96 7.82
C THR C 234 -14.86 -9.68 7.11
N PHE C 235 -14.87 -9.74 5.79
CA PHE C 235 -15.20 -8.63 4.95
C PHE C 235 -16.22 -9.11 3.98
N GLY C 236 -15.73 -9.53 2.81
CA GLY C 236 -16.55 -10.20 1.83
C GLY C 236 -16.97 -11.52 2.45
N SER D 1 11.24 31.36 -6.07
CA SER D 1 10.67 29.99 -6.35
C SER D 1 10.83 29.57 -7.84
N THR D 2 11.33 30.52 -8.64
CA THR D 2 11.91 30.19 -9.95
C THR D 2 13.43 30.26 -9.73
N LYS D 3 13.79 30.79 -8.56
CA LYS D 3 15.18 31.01 -8.16
C LYS D 3 15.78 29.89 -7.30
N LYS D 4 14.97 29.23 -6.48
CA LYS D 4 15.46 28.11 -5.66
C LYS D 4 14.52 26.91 -5.72
N LYS D 5 14.97 25.78 -5.18
CA LYS D 5 14.26 24.50 -5.33
C LYS D 5 13.26 24.20 -4.19
N PRO D 6 12.11 23.56 -4.53
CA PRO D 6 11.08 23.25 -3.55
C PRO D 6 11.23 21.81 -3.11
N LEU D 7 10.70 20.91 -3.95
CA LEU D 7 10.79 19.46 -3.80
C LEU D 7 10.10 18.92 -2.55
N THR D 8 9.19 17.99 -2.75
CA THR D 8 8.37 17.52 -1.67
C THR D 8 9.18 16.63 -0.77
N GLN D 9 8.56 16.23 0.33
CA GLN D 9 9.25 15.58 1.43
C GLN D 9 9.49 14.10 1.17
N GLU D 10 8.48 13.45 0.58
CA GLU D 10 8.63 12.05 0.21
C GLU D 10 9.43 11.96 -1.08
N GLN D 11 9.53 13.11 -1.76
CA GLN D 11 10.39 13.24 -2.93
C GLN D 11 11.83 13.07 -2.44
N LEU D 12 12.10 13.51 -1.20
CA LEU D 12 13.36 13.20 -0.51
C LEU D 12 13.44 11.74 -0.08
N GLU D 13 12.41 11.28 0.62
CA GLU D 13 12.36 9.92 1.14
C GLU D 13 12.83 8.86 0.15
N ASP D 14 12.58 9.07 -1.14
CA ASP D 14 13.00 8.10 -2.14
C ASP D 14 14.46 8.22 -2.48
N ALA D 15 14.91 9.46 -2.68
CA ALA D 15 16.31 9.75 -3.03
C ALA D 15 17.27 9.41 -1.89
N ARG D 16 16.74 9.44 -0.67
CA ARG D 16 17.47 8.97 0.51
C ARG D 16 17.60 7.48 0.40
N ARG D 17 16.49 6.78 0.59
CA ARG D 17 16.46 5.33 0.47
C ARG D 17 17.39 4.85 -0.64
N LEU D 18 17.42 5.60 -1.73
CA LEU D 18 18.37 5.34 -2.79
C LEU D 18 19.81 5.56 -2.31
N LYS D 19 20.11 6.78 -1.88
CA LYS D 19 21.47 7.19 -1.46
C LYS D 19 22.22 6.05 -0.74
N ALA D 20 21.68 5.62 0.42
CA ALA D 20 22.31 4.60 1.27
C ALA D 20 22.70 3.34 0.49
N ILE D 21 21.92 3.03 -0.51
CA ILE D 21 22.11 1.83 -1.29
C ILE D 21 23.24 2.00 -2.29
N TYR D 22 23.45 3.22 -2.76
CA TYR D 22 24.57 3.49 -3.67
C TYR D 22 25.93 3.28 -3.03
N GLU D 23 26.05 3.60 -1.74
CA GLU D 23 27.29 3.38 -1.02
C GLU D 23 27.75 1.95 -1.22
N LYS D 24 26.93 1.03 -0.73
CA LYS D 24 27.29 -0.37 -0.57
C LYS D 24 27.64 -1.08 -1.88
N LYS D 25 27.19 -0.54 -3.01
CA LYS D 25 27.22 -1.26 -4.28
C LYS D 25 28.38 -0.92 -5.20
N LYS D 26 28.79 0.35 -5.22
CA LYS D 26 29.95 0.77 -6.04
C LYS D 26 31.12 -0.10 -5.65
N ASN D 27 31.24 -0.33 -4.35
CA ASN D 27 32.15 -1.30 -3.77
C ASN D 27 32.13 -2.55 -4.66
N GLU D 28 30.96 -3.19 -4.71
CA GLU D 28 30.77 -4.44 -5.46
C GLU D 28 31.25 -4.36 -6.92
N LEU D 29 30.91 -3.29 -7.63
CA LEU D 29 31.11 -3.27 -9.08
C LEU D 29 32.08 -2.18 -9.58
N GLY D 30 32.60 -1.39 -8.63
CA GLY D 30 33.56 -0.33 -8.94
C GLY D 30 32.87 0.76 -9.73
N LEU D 31 32.18 1.65 -9.00
CA LEU D 31 31.28 2.62 -9.63
C LEU D 31 31.29 4.01 -8.98
N SER D 32 31.07 5.02 -9.82
CA SER D 32 30.96 6.42 -9.38
C SER D 32 30.01 7.23 -10.26
N GLN D 33 29.84 8.49 -9.88
CA GLN D 33 28.85 9.38 -10.50
C GLN D 33 28.96 9.49 -12.01
N GLU D 34 30.10 9.98 -12.48
CA GLU D 34 30.35 10.13 -13.90
C GLU D 34 30.25 8.80 -14.65
N SER D 35 30.52 7.69 -13.96
CA SER D 35 30.43 6.36 -14.54
C SER D 35 28.97 6.02 -14.87
N VAL D 36 28.09 6.33 -13.92
CA VAL D 36 26.65 6.21 -14.09
C VAL D 36 26.27 6.98 -15.33
N ALA D 37 26.37 8.29 -15.20
CA ALA D 37 26.23 9.23 -16.26
C ALA D 37 26.44 8.57 -17.61
N ASP D 38 27.60 7.94 -17.76
CA ASP D 38 28.07 7.45 -19.06
C ASP D 38 27.47 6.11 -19.50
N LYS D 39 26.94 5.34 -18.55
CA LYS D 39 26.39 4.03 -18.91
C LYS D 39 24.92 4.06 -19.40
N MET D 40 24.40 5.27 -19.65
CA MET D 40 22.98 5.52 -19.95
C MET D 40 22.73 6.42 -21.17
N GLY D 41 23.18 7.67 -21.05
CA GLY D 41 23.04 8.70 -22.08
C GLY D 41 23.12 10.11 -21.51
N MET D 42 24.13 10.35 -20.64
CA MET D 42 24.30 11.64 -19.98
C MET D 42 25.58 11.80 -19.16
N GLY D 43 25.69 12.93 -18.47
CA GLY D 43 26.84 13.22 -17.63
C GLY D 43 26.56 12.98 -16.17
N GLN D 44 27.60 13.03 -15.34
CA GLN D 44 27.46 12.98 -13.90
C GLN D 44 26.47 14.08 -13.55
N SER D 45 26.78 15.28 -14.03
CA SER D 45 25.96 16.47 -13.83
C SER D 45 25.21 16.44 -12.50
N GLY D 46 24.02 15.81 -12.51
CA GLY D 46 23.15 15.75 -11.33
C GLY D 46 23.43 14.52 -10.50
N VAL D 47 22.86 13.41 -10.92
CA VAL D 47 23.10 12.12 -10.30
C VAL D 47 23.12 12.17 -8.77
N GLY D 48 24.16 12.72 -8.19
CA GLY D 48 24.16 12.94 -6.76
C GLY D 48 23.03 13.88 -6.41
N ALA D 49 22.88 14.91 -7.28
CA ALA D 49 21.80 15.87 -7.15
C ALA D 49 20.58 15.12 -6.73
N LEU D 50 20.41 13.97 -7.36
CA LEU D 50 19.26 13.13 -7.08
C LEU D 50 19.39 12.49 -5.71
N PHE D 51 20.39 11.63 -5.52
CA PHE D 51 20.55 10.95 -4.26
C PHE D 51 20.27 11.92 -3.13
N ASN D 52 20.91 13.08 -3.25
CA ASN D 52 20.87 14.13 -2.24
C ASN D 52 19.49 14.80 -2.14
N GLY D 53 18.86 14.96 -3.30
CA GLY D 53 17.52 15.54 -3.39
C GLY D 53 17.53 16.93 -3.96
N ILE D 54 18.58 17.26 -4.70
CA ILE D 54 18.72 18.57 -5.36
C ILE D 54 17.80 18.60 -6.59
N ASN D 55 18.02 17.68 -7.53
CA ASN D 55 17.04 17.41 -8.58
C ASN D 55 16.25 16.18 -8.18
N ALA D 56 14.99 16.11 -8.65
CA ALA D 56 14.09 14.97 -8.44
C ALA D 56 14.08 14.08 -9.68
N LEU D 57 13.78 12.81 -9.47
CA LEU D 57 14.08 11.80 -10.46
C LEU D 57 13.02 11.65 -11.54
N ASN D 58 13.49 11.34 -12.75
CA ASN D 58 12.65 10.85 -13.80
C ASN D 58 12.57 9.34 -13.67
N ALA D 59 11.37 8.86 -13.33
CA ALA D 59 11.11 7.43 -13.20
C ALA D 59 11.96 6.59 -14.16
N TYR D 60 12.10 7.08 -15.38
CA TYR D 60 12.82 6.37 -16.38
C TYR D 60 14.28 6.20 -15.98
N ASN D 61 14.89 7.27 -15.49
CA ASN D 61 16.28 7.22 -15.09
C ASN D 61 16.43 6.36 -13.89
N ALA D 62 15.50 6.55 -12.98
CA ALA D 62 15.38 5.66 -11.88
C ALA D 62 15.36 4.23 -12.40
N ALA D 63 14.71 4.00 -13.54
CA ALA D 63 14.62 2.66 -14.11
C ALA D 63 15.96 2.21 -14.68
N LEU D 64 16.84 3.17 -14.91
CA LEU D 64 18.20 2.85 -15.27
C LEU D 64 18.91 2.48 -14.01
N LEU D 65 18.89 3.43 -13.08
CA LEU D 65 19.67 3.35 -11.87
C LEU D 65 19.58 2.02 -11.17
N ALA D 66 18.37 1.55 -10.96
CA ALA D 66 18.20 0.30 -10.27
C ALA D 66 18.94 -0.79 -11.00
N LYS D 67 18.80 -0.82 -12.32
CA LYS D 67 19.40 -1.86 -13.14
C LYS D 67 20.87 -1.87 -12.87
N ILE D 68 21.37 -0.64 -12.79
CA ILE D 68 22.75 -0.41 -12.51
C ILE D 68 23.03 -0.83 -11.08
N LEU D 69 22.10 -0.58 -10.18
CA LEU D 69 22.32 -0.95 -8.80
C LEU D 69 22.07 -2.43 -8.58
N LYS D 70 21.89 -3.13 -9.69
CA LYS D 70 21.68 -4.58 -9.70
C LYS D 70 20.40 -4.97 -8.96
N VAL D 71 19.61 -3.96 -8.65
CA VAL D 71 18.47 -4.16 -7.77
C VAL D 71 17.19 -3.53 -8.31
N SER D 72 16.09 -3.81 -7.60
CA SER D 72 14.71 -3.42 -7.94
C SER D 72 14.48 -1.93 -7.82
N VAL D 73 13.21 -1.54 -7.56
CA VAL D 73 12.90 -0.14 -7.32
C VAL D 73 12.36 0.14 -5.93
N GLU D 74 11.51 -0.76 -5.44
CA GLU D 74 10.85 -0.54 -4.15
C GLU D 74 11.90 -0.36 -3.10
N GLU D 75 12.98 -1.11 -3.24
CA GLU D 75 14.10 -1.02 -2.34
C GLU D 75 14.49 0.45 -2.17
N PHE D 76 14.38 1.25 -3.23
CA PHE D 76 14.58 2.68 -3.06
C PHE D 76 13.33 3.52 -3.25
N SER D 77 12.53 3.22 -4.26
CA SER D 77 11.26 3.91 -4.45
C SER D 77 10.25 2.94 -4.91
N PRO D 78 9.12 2.89 -4.19
CA PRO D 78 7.95 2.06 -4.50
C PRO D 78 6.91 2.80 -5.36
N SER D 79 6.60 4.04 -4.97
CA SER D 79 5.67 4.86 -5.70
C SER D 79 6.01 4.72 -7.17
N ILE D 80 7.27 4.94 -7.49
CA ILE D 80 7.74 4.70 -8.83
C ILE D 80 7.22 3.36 -9.32
N ALA D 81 7.54 2.30 -8.57
CA ALA D 81 7.14 0.96 -8.94
C ALA D 81 5.74 0.99 -9.47
N ARG D 82 4.80 1.49 -8.67
CA ARG D 82 3.39 1.51 -9.05
C ARG D 82 3.29 2.18 -10.42
N GLU D 83 3.85 3.37 -10.52
CA GLU D 83 3.86 4.10 -11.76
C GLU D 83 4.30 3.22 -12.91
N ILE D 84 5.57 2.82 -12.90
CA ILE D 84 6.10 1.91 -13.92
C ILE D 84 5.08 0.83 -14.17
N TYR D 85 4.91 0.00 -13.14
CA TYR D 85 3.99 -1.11 -13.15
C TYR D 85 2.78 -0.75 -13.95
N GLU D 86 2.04 0.25 -13.49
CA GLU D 86 0.88 0.70 -14.20
C GLU D 86 1.17 0.72 -15.69
N MET D 87 2.05 1.65 -16.08
CA MET D 87 2.33 1.94 -17.48
C MET D 87 2.49 0.72 -18.34
N TYR D 88 2.80 -0.41 -17.71
CA TYR D 88 2.91 -1.65 -18.41
C TYR D 88 1.56 -2.13 -18.86
N GLU D 89 0.64 -2.32 -17.90
CA GLU D 89 -0.70 -2.84 -18.21
C GLU D 89 -1.03 -2.34 -19.60
N ALA D 90 -0.83 -1.04 -19.76
CA ALA D 90 -0.93 -0.36 -21.05
C ALA D 90 -0.67 -1.29 -22.22
N VAL D 91 0.45 -2.02 -22.17
CA VAL D 91 0.76 -2.98 -23.22
C VAL D 91 -0.17 -4.18 -23.14
N SER D 92 0.40 -5.34 -22.85
CA SER D 92 -0.39 -6.55 -22.67
C SER D 92 -1.20 -6.41 -21.40
N MET D 93 -2.47 -6.79 -21.47
CA MET D 93 -3.39 -6.61 -20.35
C MET D 93 -3.37 -7.76 -19.36
N GLN D 94 -3.00 -7.45 -18.12
CA GLN D 94 -3.08 -8.33 -16.93
C GLN D 94 -2.14 -7.91 -15.78
N PRO D 95 -2.67 -7.84 -14.55
CA PRO D 95 -1.83 -7.66 -13.37
C PRO D 95 -1.37 -9.00 -12.79
N SER D 96 -0.10 -9.35 -13.04
CA SER D 96 0.51 -10.58 -12.56
C SER D 96 0.64 -10.56 -11.05
N LEU D 97 0.84 -9.35 -10.50
CA LEU D 97 0.87 -9.05 -9.06
C LEU D 97 2.02 -9.74 -8.35
N ARG D 98 2.40 -10.90 -8.88
CA ARG D 98 3.49 -11.70 -8.34
C ARG D 98 3.52 -11.75 -6.80
N SER D 99 4.38 -10.95 -6.19
CA SER D 99 4.64 -11.01 -4.75
C SER D 99 4.00 -9.84 -3.95
N GLU D 100 4.42 -8.61 -4.25
CA GLU D 100 4.24 -7.46 -3.33
C GLU D 100 3.03 -6.54 -3.54
N TYR D 101 2.94 -5.89 -4.71
CA TYR D 101 2.07 -4.71 -4.88
C TYR D 101 2.58 -3.57 -4.00
N GLU D 102 1.79 -2.52 -3.84
CA GLU D 102 2.24 -1.34 -3.08
C GLU D 102 1.10 -0.49 -2.48
N TYR D 103 0.90 0.71 -3.01
CA TYR D 103 -0.20 1.63 -2.66
C TYR D 103 -0.19 2.23 -1.24
N PRO D 104 -0.70 3.48 -1.13
CA PRO D 104 -0.36 4.38 -0.06
C PRO D 104 -1.40 4.45 1.04
N VAL D 105 -1.14 5.36 1.98
CA VAL D 105 -2.05 5.62 3.08
C VAL D 105 -2.65 7.03 2.98
N PHE D 106 -1.83 8.03 2.61
CA PHE D 106 -2.26 9.41 2.36
C PHE D 106 -2.76 10.14 3.62
N SER D 107 -2.71 11.48 3.63
CA SER D 107 -3.10 12.29 4.80
C SER D 107 -4.64 12.36 5.02
N HIS D 108 -5.22 11.16 5.20
CA HIS D 108 -6.57 10.97 5.74
C HIS D 108 -7.51 12.11 5.41
N VAL D 109 -8.20 11.88 4.30
CA VAL D 109 -8.89 12.91 3.59
C VAL D 109 -9.34 12.20 2.35
N GLN D 110 -10.33 12.76 1.67
CA GLN D 110 -10.48 12.46 0.27
C GLN D 110 -9.39 13.26 -0.44
N ALA D 111 -8.70 12.64 -1.40
CA ALA D 111 -7.77 13.37 -2.27
C ALA D 111 -8.45 13.67 -3.62
N GLY D 112 -9.47 14.52 -3.57
CA GLY D 112 -10.37 14.74 -4.69
C GLY D 112 -11.22 13.51 -4.89
N MET D 113 -10.59 12.34 -4.72
CA MET D 113 -11.18 11.04 -4.97
C MET D 113 -11.19 10.73 -6.47
N PHE D 114 -11.46 9.46 -6.84
CA PHE D 114 -11.43 9.04 -8.24
C PHE D 114 -12.61 9.62 -9.06
N SER D 115 -13.27 8.77 -9.85
CA SER D 115 -14.03 9.16 -11.05
C SER D 115 -13.20 10.10 -11.96
N PRO D 116 -13.04 11.40 -11.58
CA PRO D 116 -11.85 12.12 -12.01
C PRO D 116 -10.55 11.45 -11.54
N GLU D 117 -9.42 11.88 -12.09
CA GLU D 117 -8.17 11.26 -11.73
C GLU D 117 -7.66 11.71 -10.36
N LEU D 118 -6.63 10.99 -9.91
CA LEU D 118 -5.82 11.36 -8.77
C LEU D 118 -4.57 12.06 -9.30
N ARG D 119 -4.21 13.19 -8.67
CA ARG D 119 -2.99 13.91 -9.01
C ARG D 119 -1.76 13.15 -8.51
N THR D 120 -1.67 11.88 -8.93
CA THR D 120 -0.55 10.97 -8.65
C THR D 120 -0.32 10.73 -7.16
N PHE D 121 0.93 10.96 -6.72
CA PHE D 121 1.34 10.90 -5.30
C PHE D 121 0.57 11.91 -4.45
N THR D 122 0.25 13.04 -5.07
CA THR D 122 -0.57 14.09 -4.45
C THR D 122 0.06 14.72 -3.21
N LYS D 123 -0.63 15.73 -2.68
CA LYS D 123 -0.21 16.49 -1.50
C LYS D 123 0.28 15.55 -0.40
N GLY D 124 -0.35 14.39 -0.31
CA GLY D 124 -0.05 13.41 0.74
C GLY D 124 1.01 12.39 0.37
N ASP D 125 1.77 11.97 1.38
CA ASP D 125 2.87 11.04 1.19
C ASP D 125 2.68 9.82 2.07
N ALA D 126 2.76 10.01 3.38
CA ALA D 126 2.55 8.97 4.37
C ALA D 126 3.36 7.69 4.14
N GLU D 127 4.35 7.80 3.25
CA GLU D 127 5.33 6.74 2.98
C GLU D 127 4.76 5.40 2.45
N ARG D 128 3.47 5.12 2.66
CA ARG D 128 2.80 3.95 2.08
C ARG D 128 3.40 2.58 2.42
N TRP D 129 2.67 1.79 3.18
CA TRP D 129 3.14 0.46 3.48
C TRP D 129 2.29 -0.51 2.70
N VAL D 130 2.75 -1.75 2.69
CA VAL D 130 2.17 -2.83 1.89
C VAL D 130 2.76 -4.15 2.33
N SER D 131 1.93 -5.21 2.36
CA SER D 131 2.39 -6.60 2.55
C SER D 131 1.47 -7.46 3.43
N THR D 132 0.52 -8.15 2.79
CA THR D 132 -0.22 -9.26 3.44
C THR D 132 -0.62 -10.33 2.43
N THR D 133 0.07 -10.39 1.29
CA THR D 133 -0.46 -11.13 0.13
C THR D 133 -1.67 -10.29 -0.33
N LYS D 134 -1.50 -9.56 -1.43
CA LYS D 134 -2.46 -8.51 -1.77
C LYS D 134 -3.24 -8.79 -3.07
N LYS D 135 -4.49 -8.34 -3.13
CA LYS D 135 -5.35 -8.62 -4.28
C LYS D 135 -5.43 -7.41 -5.21
N ALA D 136 -6.39 -7.48 -6.13
CA ALA D 136 -6.64 -6.41 -7.10
C ALA D 136 -6.73 -5.04 -6.41
N SER D 137 -5.89 -4.13 -6.88
CA SER D 137 -5.65 -2.86 -6.24
C SER D 137 -6.25 -1.74 -7.04
N ASP D 138 -6.22 -1.87 -8.36
CA ASP D 138 -6.85 -0.90 -9.19
C ASP D 138 -6.38 0.46 -8.73
N SER D 139 -7.25 1.14 -7.97
CA SER D 139 -7.00 2.51 -7.51
C SER D 139 -7.04 2.61 -5.99
N ALA D 140 -6.75 1.47 -5.35
CA ALA D 140 -6.90 1.25 -3.93
C ALA D 140 -6.13 2.20 -3.09
N PHE D 141 -6.21 2.01 -1.78
CA PHE D 141 -5.21 2.50 -0.84
C PHE D 141 -5.58 2.22 0.57
N TRP D 142 -4.58 2.23 1.43
CA TRP D 142 -4.74 2.07 2.85
C TRP D 142 -5.21 3.39 3.42
N LEU D 143 -5.89 3.32 4.57
CA LEU D 143 -6.23 4.51 5.34
C LEU D 143 -6.22 4.23 6.80
N GLU D 144 -5.71 5.20 7.56
CA GLU D 144 -5.78 5.15 9.04
C GLU D 144 -7.13 5.67 9.42
N VAL D 145 -7.63 5.12 10.52
CA VAL D 145 -8.97 5.35 10.93
C VAL D 145 -8.94 6.23 12.14
N GLU D 146 -9.49 7.43 12.02
CA GLU D 146 -9.39 8.43 13.08
C GLU D 146 -10.68 8.51 13.86
N GLY D 147 -11.70 9.03 13.19
CA GLY D 147 -13.03 9.11 13.78
C GLY D 147 -13.50 7.74 14.18
N ASN D 148 -13.99 7.64 15.41
CA ASN D 148 -14.48 6.39 15.98
C ASN D 148 -15.84 5.97 15.46
N SER D 149 -16.08 6.31 14.18
CA SER D 149 -17.24 5.88 13.40
C SER D 149 -17.72 4.50 13.88
N MET D 150 -17.17 3.39 13.36
CA MET D 150 -17.37 2.13 14.08
C MET D 150 -16.20 1.72 14.95
N THR D 151 -16.50 1.63 16.24
CA THR D 151 -15.64 0.99 17.21
C THR D 151 -16.51 0.01 18.01
N ALA D 152 -16.46 -1.26 17.66
CA ALA D 152 -17.30 -2.27 18.26
C ALA D 152 -17.44 -1.98 19.71
N PRO D 153 -18.66 -2.13 20.21
CA PRO D 153 -18.88 -1.81 21.57
C PRO D 153 -18.22 -2.98 22.27
N THR D 154 -16.90 -2.85 22.42
CA THR D 154 -16.09 -3.68 23.34
C THR D 154 -16.45 -5.17 23.31
N GLY D 155 -15.92 -5.84 22.27
CA GLY D 155 -16.24 -7.22 21.99
C GLY D 155 -17.61 -7.20 21.38
N SER D 156 -17.66 -7.06 20.08
CA SER D 156 -18.91 -7.26 19.36
C SER D 156 -18.62 -8.21 18.19
N LYS D 157 -19.19 -7.97 17.02
CA LYS D 157 -18.68 -8.60 15.81
C LYS D 157 -17.23 -8.11 15.44
N PRO D 158 -17.08 -7.06 14.60
CA PRO D 158 -15.75 -6.69 14.15
C PRO D 158 -15.20 -5.54 14.99
N SER D 159 -14.47 -4.56 14.37
CA SER D 159 -13.88 -3.44 15.15
C SER D 159 -13.68 -2.10 14.47
N PHE D 160 -12.42 -1.66 14.48
CA PHE D 160 -11.90 -0.46 13.77
C PHE D 160 -11.79 0.83 14.62
N PRO D 161 -10.86 0.84 15.59
CA PRO D 161 -10.71 1.91 16.57
C PRO D 161 -9.75 2.85 15.97
N ASP D 162 -9.14 3.71 16.77
CA ASP D 162 -8.23 4.69 16.20
C ASP D 162 -6.98 4.10 15.60
N GLY D 163 -6.38 4.84 14.68
CA GLY D 163 -5.04 4.52 14.18
C GLY D 163 -4.91 3.27 13.33
N MET D 164 -5.84 2.33 13.50
CA MET D 164 -5.87 1.10 12.70
C MET D 164 -5.90 1.34 11.18
N LEU D 165 -5.99 0.26 10.42
CA LEU D 165 -5.95 0.41 8.99
C LEU D 165 -7.10 -0.19 8.23
N ILE D 166 -7.62 0.62 7.35
CA ILE D 166 -8.58 0.13 6.44
C ILE D 166 -7.99 0.44 5.11
N LEU D 167 -8.58 -0.21 4.13
CA LEU D 167 -8.06 -0.28 2.82
C LEU D 167 -9.16 0.08 1.85
N VAL D 168 -8.90 1.06 1.01
CA VAL D 168 -9.99 1.67 0.29
C VAL D 168 -10.51 0.86 -0.88
N ASP D 169 -9.68 0.73 -1.92
CA ASP D 169 -10.05 0.25 -3.25
C ASP D 169 -11.36 0.74 -3.77
N PRO D 170 -11.32 1.65 -4.71
CA PRO D 170 -12.53 2.23 -5.21
C PRO D 170 -13.11 1.56 -6.45
N GLU D 171 -12.31 0.76 -7.15
CA GLU D 171 -12.87 0.11 -8.35
C GLU D 171 -13.63 -1.16 -7.93
N GLN D 172 -14.44 -1.03 -6.85
CA GLN D 172 -15.05 -2.17 -6.21
C GLN D 172 -16.55 -2.26 -6.33
N ALA D 173 -17.01 -3.49 -6.10
CA ALA D 173 -18.40 -3.92 -6.08
C ALA D 173 -18.95 -3.77 -4.66
N VAL D 174 -19.89 -2.84 -4.52
CA VAL D 174 -20.39 -2.54 -3.20
C VAL D 174 -21.86 -2.90 -2.97
N GLU D 175 -22.03 -3.82 -2.02
CA GLU D 175 -23.30 -4.47 -1.77
C GLU D 175 -23.63 -4.47 -0.28
N PRO D 176 -24.89 -4.77 0.08
CA PRO D 176 -25.34 -5.02 1.45
C PRO D 176 -24.56 -6.13 2.18
N GLY D 177 -24.31 -5.92 3.49
CA GLY D 177 -23.50 -6.82 4.32
C GLY D 177 -21.99 -6.57 4.23
N ASP D 178 -21.61 -5.54 3.49
CA ASP D 178 -20.24 -5.27 3.13
C ASP D 178 -19.79 -4.00 3.81
N PHE D 179 -18.45 -3.84 3.96
CA PHE D 179 -17.82 -2.62 4.53
C PHE D 179 -17.25 -1.74 3.47
N CYS D 180 -17.31 -0.45 3.71
CA CYS D 180 -17.13 0.54 2.65
C CYS D 180 -17.07 1.95 3.16
N ILE D 181 -17.01 2.86 2.21
CA ILE D 181 -16.97 4.23 2.52
C ILE D 181 -17.94 4.81 1.56
N ALA D 182 -18.51 5.98 1.88
CA ALA D 182 -19.28 6.75 0.89
C ALA D 182 -19.02 8.26 0.95
N ARG D 183 -19.69 9.01 0.04
CA ARG D 183 -19.53 10.47 -0.06
C ARG D 183 -20.72 11.32 0.43
N LEU D 184 -20.33 12.44 1.08
CA LEU D 184 -21.30 13.38 1.64
C LEU D 184 -20.94 14.85 1.50
N GLY D 185 -21.96 15.70 1.37
CA GLY D 185 -21.83 17.17 1.23
C GLY D 185 -20.87 17.72 0.16
N GLY D 186 -20.46 16.82 -0.76
CA GLY D 186 -19.40 17.13 -1.71
C GLY D 186 -17.99 16.96 -1.14
N ASP D 187 -17.88 16.89 0.20
CA ASP D 187 -16.56 16.82 0.86
C ASP D 187 -16.33 15.62 1.80
N GLU D 188 -17.35 15.29 2.58
CA GLU D 188 -17.25 14.36 3.70
C GLU D 188 -16.98 12.91 3.31
N PHE D 189 -16.18 12.23 4.13
CA PHE D 189 -16.04 10.76 4.13
C PHE D 189 -16.64 10.20 5.40
N THR D 190 -17.19 8.99 5.34
CA THR D 190 -17.26 8.20 6.58
C THR D 190 -17.30 6.74 6.31
N PHE D 191 -16.55 6.02 7.11
CA PHE D 191 -16.22 4.67 6.80
C PHE D 191 -17.16 3.81 7.59
N LYS D 192 -18.02 3.07 6.89
CA LYS D 192 -19.17 2.44 7.51
C LYS D 192 -19.68 1.13 6.88
N LYS D 193 -20.69 0.54 7.53
CA LYS D 193 -21.32 -0.75 7.11
C LYS D 193 -22.57 -0.56 6.27
N LEU D 194 -22.74 -1.45 5.30
CA LEU D 194 -23.74 -1.22 4.30
C LEU D 194 -24.92 -2.12 4.50
N ILE D 195 -26.09 -1.51 4.71
CA ILE D 195 -27.27 -2.34 4.93
C ILE D 195 -28.61 -1.95 4.32
N ARG D 196 -29.25 -2.98 3.78
CA ARG D 196 -30.60 -2.87 3.24
C ARG D 196 -31.58 -3.15 4.38
N GLY D 197 -32.01 -2.08 5.05
CA GLY D 197 -32.92 -2.19 6.19
C GLY D 197 -34.35 -1.84 5.82
N SER D 198 -35.28 -2.69 6.23
CA SER D 198 -36.68 -2.54 5.81
C SER D 198 -36.64 -2.24 4.31
N GLY D 199 -35.53 -2.67 3.69
CA GLY D 199 -35.26 -2.37 2.31
C GLY D 199 -34.92 -0.92 2.06
N GLN D 200 -33.83 -0.44 2.67
CA GLN D 200 -33.16 0.77 2.17
C GLN D 200 -31.70 0.81 2.54
N VAL D 201 -31.00 1.77 1.93
CA VAL D 201 -29.58 1.98 2.13
C VAL D 201 -29.23 2.74 3.39
N PHE D 202 -28.45 2.06 4.22
CA PHE D 202 -28.03 2.66 5.46
C PHE D 202 -26.58 2.50 5.72
N LEU D 203 -26.12 3.41 6.53
CA LEU D 203 -24.81 3.34 6.96
C LEU D 203 -24.95 3.37 8.45
N GLN D 204 -24.64 2.21 9.04
CA GLN D 204 -24.45 2.08 10.49
C GLN D 204 -23.00 1.76 10.70
N PRO D 205 -22.45 2.25 11.81
CA PRO D 205 -21.20 1.86 12.41
C PRO D 205 -21.37 0.92 13.61
N LEU D 206 -20.44 -0.02 13.77
CA LEU D 206 -20.44 -0.89 14.92
C LEU D 206 -20.22 -0.10 16.21
N ASN D 207 -20.90 1.04 16.35
CA ASN D 207 -20.61 1.94 17.45
C ASN D 207 -21.77 2.77 17.91
N PRO D 208 -22.73 2.14 18.60
CA PRO D 208 -24.04 2.70 18.93
C PRO D 208 -23.96 4.12 19.46
N GLN D 209 -22.83 4.44 20.08
CA GLN D 209 -22.60 5.78 20.56
C GLN D 209 -22.77 6.67 19.35
N TYR D 210 -23.43 6.15 18.32
CA TYR D 210 -23.51 6.88 17.09
C TYR D 210 -24.78 6.63 16.34
N PRO D 211 -25.04 7.46 15.32
CA PRO D 211 -26.24 7.42 14.56
C PRO D 211 -26.07 6.57 13.30
N MET D 212 -26.77 6.97 12.23
CA MET D 212 -27.04 6.14 11.06
C MET D 212 -27.64 6.92 9.89
N ILE D 213 -26.81 7.25 8.92
CA ILE D 213 -27.30 7.88 7.71
C ILE D 213 -28.11 6.93 6.86
N PRO D 214 -29.32 7.36 6.46
CA PRO D 214 -30.02 6.74 5.36
C PRO D 214 -29.19 6.80 4.09
N GLU D 217 -31.00 8.39 0.54
CA GLU D 217 -31.19 8.81 -0.85
C GLU D 217 -29.89 9.34 -1.45
N SER D 218 -29.37 10.38 -0.82
CA SER D 218 -28.34 11.22 -1.41
C SER D 218 -26.88 10.78 -1.18
N CYS D 219 -26.69 9.66 -0.50
CA CYS D 219 -25.36 9.04 -0.37
C CYS D 219 -24.87 8.34 -1.67
N SER D 220 -23.57 8.44 -1.95
CA SER D 220 -23.05 7.64 -3.03
C SER D 220 -21.87 6.89 -2.50
N VAL D 221 -21.92 5.58 -2.65
CA VAL D 221 -20.80 4.76 -2.22
C VAL D 221 -19.58 5.19 -3.00
N VAL D 222 -18.42 4.72 -2.59
CA VAL D 222 -17.23 5.13 -3.25
C VAL D 222 -16.24 4.03 -3.52
N GLY D 223 -16.09 3.06 -2.61
CA GLY D 223 -15.12 1.99 -2.83
C GLY D 223 -15.08 0.99 -1.70
N LYS D 224 -14.70 -0.25 -1.97
CA LYS D 224 -14.89 -1.27 -0.94
C LYS D 224 -13.68 -1.73 -0.17
N VAL D 225 -13.39 -0.95 0.86
CA VAL D 225 -12.55 -1.37 1.96
C VAL D 225 -12.36 -2.87 2.06
N ILE D 226 -11.12 -3.33 1.92
CA ILE D 226 -10.88 -4.76 1.86
C ILE D 226 -10.20 -5.40 3.07
N ALA D 227 -9.21 -4.72 3.71
CA ALA D 227 -8.77 -5.25 5.02
C ALA D 227 -8.30 -4.20 6.04
N SER D 228 -7.77 -4.76 7.13
CA SER D 228 -7.11 -4.00 8.18
C SER D 228 -5.76 -4.65 8.38
N GLN D 229 -4.78 -3.87 8.87
CA GLN D 229 -3.52 -4.47 9.24
C GLN D 229 -2.99 -3.99 10.61
N TRP D 230 -3.37 -2.77 11.02
CA TRP D 230 -2.70 -2.01 12.13
C TRP D 230 -1.37 -1.35 11.64
N PRO D 231 -0.60 -0.73 12.54
CA PRO D 231 0.40 0.07 11.89
C PRO D 231 1.70 -0.72 11.75
N GLU D 232 2.46 -0.79 12.85
CA GLU D 232 3.87 -1.18 12.87
C GLU D 232 4.47 -0.44 14.06
N GLU D 233 4.15 0.86 14.09
CA GLU D 233 4.46 1.77 15.20
C GLU D 233 4.22 1.08 16.51
N THR D 234 3.38 0.06 16.45
CA THR D 234 3.08 -0.77 17.59
C THR D 234 4.37 -1.38 18.17
N PHE D 235 5.51 -1.06 17.53
CA PHE D 235 6.82 -1.57 17.98
C PHE D 235 8.04 -0.65 17.66
N GLY D 236 8.44 0.09 18.70
CA GLY D 236 9.39 1.20 18.63
C GLY D 236 9.15 2.22 19.75
#